data_7RT0
#
_entry.id   7RT0
#
_cell.length_a   203.302
_cell.length_b   51.740
_cell.length_c   45.739
_cell.angle_alpha   90.000
_cell.angle_beta   92.570
_cell.angle_gamma   90.000
#
_symmetry.space_group_name_H-M   'C 1 2 1'
#
loop_
_entity.id
_entity.type
_entity.pdbx_description
1 polymer '4-methylaminobutanoate oxidase (methylamine-forming)'
2 non-polymer 'FLAVIN-ADENINE DINUCLEOTIDE'
3 non-polymer 'TETRAETHYLENE GLYCOL'
4 water water
#
_entity_poly.entity_id   1
_entity_poly.type   'polypeptide(L)'
_entity_poly.pdbx_seq_one_letter_code
;MGRIGILGAGLAGLAAATKLAEAGENVTVFEARNRPGGRVWSETLDTPKGSYVIERGAEFVLDGYTSMRRLLSQFGLSLV
DTGMSYYVREPGDTTGITCDDIIRTGREALELASGSGLQGTAEELLAKLPDEPELVDALRARIEISTAVSASEVTARSLQ
HIASFEPKPSWRVAGGNQRLPDAMAAALGSAVRYGETVRAVENISDGGVLVTTDTDTSVFDTVVVALPLAVIRDSQLNLP
TTEARDAALKHVLQGHAAKLHLPLETQPATSAVMSVEGRYWTWTATDESGAVAPVLNAFMGSPSAITRANLKQRPAEWVA
KARALRTDLAIPQDAAALTTVWSEDQLAGGAYAAHAPGVTAAGTALLEKPVGDVFWAGEYSEPEFVGLMEGAIRSGERAA
GRVMQRLETKSGNSDSERSKA
;
_entity_poly.pdbx_strand_id   A
#
loop_
_chem_comp.id
_chem_comp.type
_chem_comp.name
_chem_comp.formula
FAD non-polymer 'FLAVIN-ADENINE DINUCLEOTIDE' 'C27 H33 N9 O15 P2'
PG4 non-polymer 'TETRAETHYLENE GLYCOL' 'C8 H18 O5'
#
# COMPACT_ATOMS: atom_id res chain seq x y z
N GLY A 2 28.75 -1.33 -14.38
CA GLY A 2 28.18 -1.28 -13.04
C GLY A 2 26.71 -0.88 -13.05
N ARG A 3 26.04 -1.19 -14.15
CA ARG A 3 24.71 -0.64 -14.39
C ARG A 3 23.67 -1.40 -13.55
N ILE A 4 22.83 -0.66 -12.85
CA ILE A 4 21.76 -1.21 -12.03
C ILE A 4 20.44 -0.79 -12.65
N GLY A 5 19.54 -1.74 -12.83
CA GLY A 5 18.19 -1.47 -13.27
C GLY A 5 17.22 -1.66 -12.11
N ILE A 6 16.32 -0.69 -11.94
CA ILE A 6 15.34 -0.72 -10.88
C ILE A 6 13.96 -0.72 -11.54
N LEU A 7 13.14 -1.70 -11.21
CA LEU A 7 11.86 -1.91 -11.88
C LEU A 7 10.74 -1.44 -10.96
N GLY A 8 10.16 -0.28 -11.29
CA GLY A 8 9.11 0.33 -10.52
C GLY A 8 9.56 1.58 -9.79
N ALA A 9 8.81 2.67 -9.94
CA ALA A 9 9.13 3.91 -9.25
C ALA A 9 8.13 4.23 -8.15
N GLY A 10 7.73 3.21 -7.38
CA GLY A 10 7.07 3.41 -6.11
C GLY A 10 8.09 3.78 -5.06
N LEU A 11 7.62 3.83 -3.80
CA LEU A 11 8.52 4.08 -2.68
C LEU A 11 9.64 3.05 -2.60
N ALA A 12 9.34 1.78 -2.85
CA ALA A 12 10.41 0.80 -2.75
C ALA A 12 11.48 1.03 -3.80
N GLY A 13 11.07 1.19 -5.07
CA GLY A 13 12.06 1.37 -6.13
C GLY A 13 12.79 2.70 -6.00
N LEU A 14 12.07 3.78 -5.66
CA LEU A 14 12.73 5.05 -5.51
C LEU A 14 13.66 5.07 -4.30
N ALA A 15 13.31 4.35 -3.24
CA ALA A 15 14.22 4.31 -2.08
C ALA A 15 15.49 3.55 -2.42
N ALA A 16 15.35 2.46 -3.16
CA ALA A 16 16.53 1.71 -3.60
C ALA A 16 17.40 2.57 -4.50
N ALA A 17 16.78 3.25 -5.47
CA ALA A 17 17.51 4.03 -6.45
C ALA A 17 18.21 5.21 -5.80
N THR A 18 17.55 5.86 -4.84
CA THR A 18 18.14 7.00 -4.17
C THR A 18 19.38 6.60 -3.36
N LYS A 19 19.30 5.49 -2.63
CA LYS A 19 20.46 5.02 -1.87
C LYS A 19 21.60 4.61 -2.81
N LEU A 20 21.28 3.97 -3.92
CA LEU A 20 22.34 3.56 -4.86
C LEU A 20 22.97 4.79 -5.52
N ALA A 21 22.15 5.80 -5.87
CA ALA A 21 22.66 7.03 -6.45
C ALA A 21 23.60 7.71 -5.49
N GLU A 22 23.21 7.75 -4.20
CA GLU A 22 24.08 8.40 -3.20
C GLU A 22 25.39 7.66 -3.07
N ALA A 23 25.39 6.34 -3.25
CA ALA A 23 26.61 5.57 -3.23
C ALA A 23 27.43 5.75 -4.50
N GLY A 24 26.98 6.60 -5.41
CA GLY A 24 27.69 6.83 -6.65
C GLY A 24 27.48 5.82 -7.73
N GLU A 25 26.43 4.99 -7.64
CA GLU A 25 26.17 4.01 -8.68
C GLU A 25 25.35 4.63 -9.79
N ASN A 26 25.37 3.98 -10.95
CA ASN A 26 24.59 4.41 -12.11
C ASN A 26 23.31 3.59 -12.16
N VAL A 27 22.15 4.24 -11.96
CA VAL A 27 20.88 3.53 -11.93
C VAL A 27 19.99 3.97 -13.08
N THR A 28 19.14 3.06 -13.52
CA THR A 28 18.02 3.31 -14.42
C THR A 28 16.76 2.78 -13.75
N VAL A 29 15.71 3.60 -13.71
CA VAL A 29 14.43 3.23 -13.10
C VAL A 29 13.38 3.13 -14.19
N PHE A 30 12.73 1.99 -14.29
CA PHE A 30 11.68 1.73 -15.28
C PHE A 30 10.34 1.90 -14.58
N GLU A 31 9.46 2.75 -15.12
CA GLU A 31 8.14 2.95 -14.56
C GLU A 31 7.08 2.94 -15.66
N ALA A 32 6.03 2.14 -15.45
CA ALA A 32 4.99 1.98 -16.46
C ALA A 32 4.12 3.22 -16.57
N ARG A 33 3.83 3.86 -15.45
CA ARG A 33 2.99 5.04 -15.43
C ARG A 33 3.75 6.25 -15.97
N ASN A 34 3.06 7.39 -16.07
CA ASN A 34 3.69 8.66 -16.38
C ASN A 34 3.95 9.50 -15.15
N ARG A 35 3.90 8.90 -13.97
CA ARG A 35 4.18 9.57 -12.71
C ARG A 35 4.89 8.59 -11.81
N PRO A 36 5.66 9.09 -10.85
CA PRO A 36 6.21 8.25 -9.78
C PRO A 36 5.21 8.11 -8.63
N GLY A 37 5.57 7.25 -7.67
CA GLY A 37 4.85 7.13 -6.42
C GLY A 37 3.99 5.88 -6.28
N GLY A 38 3.52 5.31 -7.37
CA GLY A 38 2.76 4.07 -7.30
C GLY A 38 1.50 4.24 -6.48
N ARG A 39 1.38 3.45 -5.42
CA ARG A 39 0.21 3.55 -4.57
C ARG A 39 0.25 4.74 -3.62
N VAL A 40 1.27 5.59 -3.69
CA VAL A 40 1.21 6.93 -3.14
C VAL A 40 0.79 7.86 -4.28
N TRP A 41 -0.41 8.43 -4.21
CA TRP A 41 -0.96 9.19 -5.32
C TRP A 41 -1.82 10.30 -4.74
N SER A 42 -1.37 11.54 -4.88
CA SER A 42 -2.00 12.69 -4.28
C SER A 42 -2.59 13.56 -5.38
N GLU A 43 -3.83 14.02 -5.16
CA GLU A 43 -4.50 14.90 -6.10
C GLU A 43 -5.26 15.95 -5.29
N THR A 44 -6.01 16.80 -5.99
CA THR A 44 -6.84 17.81 -5.35
C THR A 44 -8.28 17.52 -5.69
N LEU A 45 -9.18 17.87 -4.76
CA LEU A 45 -10.62 17.71 -4.92
C LEU A 45 -11.23 19.09 -4.81
N ASP A 46 -12.09 19.45 -5.76
CA ASP A 46 -12.81 20.72 -5.65
C ASP A 46 -14.01 20.57 -4.72
N THR A 47 -14.18 21.54 -3.84
CA THR A 47 -15.26 21.59 -2.87
C THR A 47 -15.86 23.00 -2.86
N PRO A 48 -16.98 23.20 -2.19
CA PRO A 48 -17.54 24.56 -2.12
C PRO A 48 -16.64 25.57 -1.41
N LYS A 49 -15.75 25.12 -0.54
CA LYS A 49 -14.80 26.00 0.14
C LYS A 49 -13.48 26.19 -0.63
N GLY A 50 -13.31 25.56 -1.78
CA GLY A 50 -12.04 25.60 -2.50
C GLY A 50 -11.47 24.22 -2.73
N SER A 51 -10.23 24.20 -3.20
CA SER A 51 -9.54 22.95 -3.56
C SER A 51 -8.69 22.43 -2.42
N TYR A 52 -8.73 21.11 -2.22
CA TYR A 52 -8.02 20.46 -1.11
C TYR A 52 -7.32 19.19 -1.60
N VAL A 53 -6.12 18.96 -1.05
CA VAL A 53 -5.34 17.75 -1.34
C VAL A 53 -6.03 16.54 -0.74
N ILE A 54 -6.10 15.47 -1.54
CA ILE A 54 -6.64 14.19 -1.09
C ILE A 54 -5.61 13.14 -1.44
N GLU A 55 -5.62 12.06 -0.69
CA GLU A 55 -4.75 10.92 -0.94
C GLU A 55 -5.60 9.84 -1.62
N ARG A 56 -5.30 9.55 -2.88
CA ARG A 56 -6.03 8.49 -3.59
C ARG A 56 -5.51 7.13 -3.23
N GLY A 57 -4.30 7.07 -2.65
CA GLY A 57 -3.76 5.84 -2.14
C GLY A 57 -3.39 5.98 -0.67
N ALA A 58 -2.13 5.71 -0.37
CA ALA A 58 -1.66 5.72 1.00
C ALA A 58 -1.86 7.09 1.62
N GLU A 59 -2.36 7.10 2.84
CA GLU A 59 -2.71 8.36 3.51
C GLU A 59 -1.90 8.64 4.78
N PHE A 60 -1.84 7.71 5.72
CA PHE A 60 -1.35 8.02 7.07
C PHE A 60 0.10 7.62 7.27
N VAL A 61 0.87 8.54 7.86
CA VAL A 61 2.19 8.27 8.40
C VAL A 61 1.99 8.05 9.87
N LEU A 62 2.49 6.95 10.36
CA LEU A 62 2.13 6.50 11.69
C LEU A 62 3.37 6.49 12.56
N ASP A 63 3.19 5.97 13.77
CA ASP A 63 4.31 5.97 14.68
C ASP A 63 5.35 4.99 14.17
N GLY A 64 6.59 5.38 14.30
CA GLY A 64 7.67 4.49 13.98
C GLY A 64 8.11 4.53 12.54
N TYR A 65 7.56 5.43 11.72
CA TYR A 65 7.98 5.53 10.32
C TYR A 65 9.29 6.35 10.22
N THR A 66 10.35 5.76 10.77
CA THR A 66 11.56 6.56 10.96
C THR A 66 12.41 6.64 9.73
N SER A 67 12.34 5.64 8.84
CA SER A 67 13.01 5.81 7.56
C SER A 67 12.30 6.83 6.69
N MET A 68 10.96 6.83 6.66
CA MET A 68 10.28 7.85 5.88
C MET A 68 10.55 9.24 6.45
N ARG A 69 10.62 9.36 7.78
CA ARG A 69 10.85 10.66 8.39
C ARG A 69 12.21 11.21 8.04
N ARG A 70 13.22 10.33 7.98
CA ARG A 70 14.55 10.71 7.51
C ARG A 70 14.49 11.26 6.08
N LEU A 71 13.79 10.57 5.19
CA LEU A 71 13.67 11.07 3.81
C LEU A 71 12.89 12.37 3.74
N LEU A 72 11.84 12.53 4.53
CA LEU A 72 11.11 13.79 4.50
C LEU A 72 12.02 14.93 4.95
N SER A 73 12.87 14.69 5.94
CA SER A 73 13.79 15.72 6.39
C SER A 73 14.73 16.13 5.27
N GLN A 74 15.31 15.15 4.57
CA GLN A 74 16.27 15.44 3.50
C GLN A 74 15.63 16.11 2.28
N PHE A 75 14.34 15.89 2.03
CA PHE A 75 13.65 16.52 0.92
C PHE A 75 12.81 17.72 1.35
N GLY A 76 12.94 18.16 2.59
CA GLY A 76 12.34 19.41 3.01
C GLY A 76 10.83 19.36 3.13
N LEU A 77 10.28 18.22 3.53
CA LEU A 77 8.83 17.99 3.55
C LEU A 77 8.37 17.82 4.98
N SER A 78 7.17 18.32 5.27
CA SER A 78 6.67 18.40 6.63
C SER A 78 5.49 17.48 6.88
N LEU A 79 5.43 16.95 8.11
CA LEU A 79 4.32 16.13 8.58
C LEU A 79 3.34 17.00 9.35
N VAL A 80 2.04 16.80 9.07
CA VAL A 80 0.94 17.56 9.63
C VAL A 80 0.05 16.61 10.43
N ASP A 81 -0.15 16.93 11.71
CA ASP A 81 -1.05 16.15 12.57
C ASP A 81 -2.44 16.08 11.95
N THR A 82 -3.04 14.89 11.96
CA THR A 82 -4.38 14.73 11.41
C THR A 82 -5.47 15.22 12.35
N GLY A 83 -5.15 15.40 13.63
CA GLY A 83 -6.15 15.86 14.57
C GLY A 83 -7.14 14.79 14.95
N MET A 84 -6.88 13.54 14.56
CA MET A 84 -7.73 12.41 14.87
C MET A 84 -6.93 11.34 15.58
N PRO A 91 -22.54 -1.74 20.59
CA PRO A 91 -21.53 -1.18 19.68
C PRO A 91 -20.34 -0.46 20.33
N GLY A 92 -20.56 0.53 21.20
CA GLY A 92 -19.44 1.23 21.78
C GLY A 92 -18.64 0.37 22.76
N ASP A 93 -17.39 0.06 22.41
CA ASP A 93 -16.51 -0.71 23.27
C ASP A 93 -16.89 -2.19 23.30
N THR A 94 -18.14 -2.51 22.98
CA THR A 94 -18.54 -3.91 22.90
C THR A 94 -17.68 -4.67 21.90
N THR A 95 -17.19 -4.01 20.85
CA THR A 95 -16.28 -4.66 19.92
C THR A 95 -14.95 -4.96 20.59
N GLY A 96 -14.44 -4.04 21.41
CA GLY A 96 -13.20 -4.29 22.12
C GLY A 96 -13.30 -5.47 23.07
N ILE A 97 -14.34 -5.49 23.90
CA ILE A 97 -14.54 -6.64 24.80
C ILE A 97 -14.63 -7.92 23.97
N THR A 98 -15.45 -7.91 22.91
CA THR A 98 -15.59 -9.10 22.09
C THR A 98 -14.24 -9.53 21.51
N CYS A 99 -13.39 -8.57 21.12
CA CYS A 99 -12.06 -8.95 20.69
C CYS A 99 -11.21 -9.46 21.86
N ASP A 100 -11.48 -8.98 23.08
CA ASP A 100 -10.77 -9.50 24.24
C ASP A 100 -11.16 -10.95 24.51
N ASP A 101 -12.46 -11.24 24.57
CA ASP A 101 -12.91 -12.62 24.66
C ASP A 101 -12.33 -13.44 23.52
N ILE A 102 -12.30 -12.87 22.32
CA ILE A 102 -11.74 -13.55 21.15
C ILE A 102 -10.32 -14.05 21.46
N ILE A 103 -9.43 -13.12 21.80
CA ILE A 103 -8.05 -13.50 22.12
C ILE A 103 -8.03 -14.54 23.24
N ARG A 104 -8.69 -14.23 24.37
CA ARG A 104 -8.80 -15.17 25.49
C ARG A 104 -8.97 -16.61 25.04
N THR A 105 -9.84 -16.86 24.07
CA THR A 105 -10.08 -18.22 23.60
C THR A 105 -8.84 -18.79 22.91
N LEU A 118 -2.77 -18.19 18.79
CA LEU A 118 -2.51 -17.41 17.59
C LEU A 118 -2.43 -18.29 16.34
N GLN A 119 -2.70 -19.58 16.48
CA GLN A 119 -2.78 -20.42 15.30
C GLN A 119 -4.08 -20.14 14.53
N GLY A 120 -4.11 -20.60 13.29
CA GLY A 120 -5.32 -20.51 12.50
C GLY A 120 -5.67 -19.10 12.04
N THR A 121 -6.87 -19.01 11.46
CA THR A 121 -7.40 -17.79 10.86
C THR A 121 -8.27 -17.02 11.86
N ALA A 122 -8.43 -15.73 11.59
CA ALA A 122 -9.33 -14.92 12.41
C ALA A 122 -10.72 -15.52 12.48
N GLU A 123 -11.24 -16.01 11.35
CA GLU A 123 -12.60 -16.54 11.34
C GLU A 123 -12.71 -17.79 12.21
N GLU A 124 -11.67 -18.63 12.22
CA GLU A 124 -11.68 -19.81 13.08
C GLU A 124 -11.79 -19.41 14.54
N LEU A 125 -11.25 -18.26 14.90
CA LEU A 125 -11.38 -17.78 16.27
C LEU A 125 -12.75 -17.15 16.48
N LEU A 126 -13.25 -16.37 15.50
CA LEU A 126 -14.58 -15.78 15.62
C LEU A 126 -15.65 -16.86 15.76
N ALA A 127 -15.43 -18.02 15.16
CA ALA A 127 -16.36 -19.13 15.26
C ALA A 127 -16.45 -19.71 16.66
N LYS A 128 -15.49 -19.42 17.52
CA LYS A 128 -15.48 -19.91 18.89
C LYS A 128 -16.23 -19.01 19.86
N LEU A 129 -16.59 -17.78 19.44
CA LEU A 129 -17.31 -16.86 20.28
C LEU A 129 -18.78 -17.27 20.41
N PRO A 130 -19.42 -16.93 21.52
CA PRO A 130 -20.88 -17.13 21.60
C PRO A 130 -21.54 -16.60 20.35
N ASP A 131 -22.54 -17.34 19.84
CA ASP A 131 -23.11 -17.10 18.51
C ASP A 131 -24.06 -15.91 18.57
N GLU A 132 -23.47 -14.70 18.60
CA GLU A 132 -24.17 -13.42 18.61
C GLU A 132 -23.83 -12.66 17.33
N PRO A 133 -24.58 -12.89 16.25
CA PRO A 133 -24.00 -12.65 14.92
C PRO A 133 -23.76 -11.19 14.57
N GLU A 134 -24.61 -10.26 14.99
CA GLU A 134 -24.40 -8.87 14.60
C GLU A 134 -23.14 -8.33 15.28
N LEU A 135 -22.94 -8.70 16.55
CA LEU A 135 -21.75 -8.28 17.29
C LEU A 135 -20.50 -8.95 16.74
N VAL A 136 -20.56 -10.25 16.47
CA VAL A 136 -19.40 -10.91 15.85
C VAL A 136 -19.09 -10.30 14.49
N ASP A 137 -20.11 -9.99 13.70
CA ASP A 137 -19.85 -9.41 12.39
C ASP A 137 -19.29 -7.99 12.50
N ALA A 138 -19.60 -7.26 13.57
CA ALA A 138 -18.98 -5.95 13.77
C ALA A 138 -17.48 -6.09 13.99
N LEU A 139 -17.08 -7.09 14.78
CA LEU A 139 -15.65 -7.36 14.94
C LEU A 139 -15.04 -7.88 13.64
N ARG A 140 -15.74 -8.80 12.95
CA ARG A 140 -15.27 -9.26 11.63
C ARG A 140 -15.00 -8.10 10.68
N ALA A 141 -15.89 -7.10 10.68
CA ALA A 141 -15.76 -5.98 9.77
C ALA A 141 -14.52 -5.17 10.11
N ARG A 142 -14.22 -5.03 11.40
CA ARG A 142 -13.04 -4.27 11.82
C ARG A 142 -11.78 -4.97 11.33
N ILE A 143 -11.77 -6.31 11.42
CA ILE A 143 -10.65 -7.10 10.93
C ILE A 143 -10.52 -7.00 9.41
N GLU A 144 -11.64 -7.12 8.70
CA GLU A 144 -11.60 -7.13 7.25
C GLU A 144 -11.26 -5.78 6.67
N ILE A 145 -11.67 -4.69 7.30
CA ILE A 145 -11.28 -3.38 6.77
C ILE A 145 -9.77 -3.21 6.85
N SER A 146 -9.20 -3.49 8.01
CA SER A 146 -7.81 -3.14 8.21
C SER A 146 -6.86 -4.12 7.54
N THR A 147 -7.16 -5.43 7.56
CA THR A 147 -6.30 -6.40 6.88
C THR A 147 -6.54 -6.41 5.38
N ALA A 148 -7.69 -5.89 4.94
CA ALA A 148 -8.11 -5.83 3.53
C ALA A 148 -8.25 -7.21 2.88
N VAL A 149 -8.52 -8.23 3.69
CA VAL A 149 -8.78 -9.57 3.20
C VAL A 149 -9.90 -10.18 4.04
N SER A 150 -10.43 -11.27 3.52
CA SER A 150 -11.42 -12.05 4.26
C SER A 150 -10.85 -12.53 5.60
N ALA A 151 -11.65 -12.40 6.64
CA ALA A 151 -11.28 -12.99 7.92
C ALA A 151 -11.06 -14.50 7.83
N SER A 152 -11.63 -15.17 6.84
CA SER A 152 -11.45 -16.61 6.69
CA SER A 152 -11.44 -16.61 6.70
C SER A 152 -10.08 -16.98 6.15
N GLU A 153 -9.30 -16.01 5.69
CA GLU A 153 -7.96 -16.27 5.19
C GLU A 153 -6.83 -15.70 6.02
N VAL A 154 -7.05 -14.58 6.72
CA VAL A 154 -5.98 -13.89 7.43
C VAL A 154 -5.64 -14.62 8.72
N THR A 155 -4.37 -14.49 9.12
CA THR A 155 -3.90 -15.05 10.39
C THR A 155 -4.67 -14.46 11.56
N ALA A 156 -5.01 -15.32 12.50
CA ALA A 156 -5.51 -14.88 13.80
C ALA A 156 -4.60 -13.89 14.50
N ARG A 157 -3.30 -13.86 14.18
CA ARG A 157 -2.41 -12.93 14.85
C ARG A 157 -2.82 -11.49 14.61
N SER A 158 -3.67 -11.23 13.58
CA SER A 158 -4.15 -9.88 13.32
C SER A 158 -5.15 -9.40 14.37
N LEU A 159 -5.78 -10.31 15.13
CA LEU A 159 -6.64 -9.87 16.23
C LEU A 159 -5.85 -9.10 17.28
N GLN A 160 -4.58 -9.46 17.50
CA GLN A 160 -3.75 -8.74 18.45
C GLN A 160 -3.85 -7.23 18.22
N HIS A 161 -3.71 -6.81 16.96
CA HIS A 161 -3.84 -5.39 16.62
C HIS A 161 -5.30 -4.95 16.67
N PRO A 169 -2.44 8.23 17.02
CA PRO A 169 -1.77 9.46 16.52
C PRO A 169 -1.19 9.25 15.12
N SER A 170 -1.38 10.23 14.24
CA SER A 170 -1.12 10.03 12.82
C SER A 170 -0.87 11.38 12.17
N TRP A 171 -0.19 11.33 11.03
CA TRP A 171 0.20 12.49 10.27
C TRP A 171 0.01 12.23 8.79
N ARG A 172 0.06 13.32 8.02
CA ARG A 172 0.07 13.30 6.58
C ARG A 172 1.12 14.31 6.14
N VAL A 173 1.65 14.12 4.94
CA VAL A 173 2.63 15.05 4.39
C VAL A 173 1.94 16.31 3.91
N ALA A 174 2.43 17.48 4.38
CA ALA A 174 1.87 18.73 3.92
C ALA A 174 1.99 18.85 2.41
N GLY A 175 0.87 19.07 1.74
CA GLY A 175 0.85 19.25 0.30
C GLY A 175 0.68 17.98 -0.50
N GLY A 176 0.58 16.83 0.16
CA GLY A 176 0.39 15.54 -0.50
C GLY A 176 1.55 14.61 -0.25
N ASN A 177 1.23 13.38 0.17
CA ASN A 177 2.24 12.34 0.38
C ASN A 177 3.08 12.07 -0.86
N GLN A 178 2.50 12.22 -2.05
CA GLN A 178 3.22 11.98 -3.29
C GLN A 178 4.35 12.99 -3.50
N ARG A 179 4.37 14.09 -2.75
CA ARG A 179 5.50 15.03 -2.87
C ARG A 179 6.82 14.33 -2.57
N LEU A 180 6.79 13.29 -1.71
CA LEU A 180 8.03 12.57 -1.40
C LEU A 180 8.50 11.76 -2.60
N PRO A 181 7.73 10.84 -3.15
CA PRO A 181 8.24 10.15 -4.34
C PRO A 181 8.47 11.11 -5.52
N ASP A 182 7.67 12.18 -5.64
CA ASP A 182 7.91 13.16 -6.69
C ASP A 182 9.32 13.74 -6.59
N ALA A 183 9.73 14.11 -5.36
CA ALA A 183 11.03 14.75 -5.15
C ALA A 183 12.17 13.75 -5.32
N MET A 184 11.97 12.52 -4.84
CA MET A 184 12.96 11.46 -5.06
C MET A 184 13.16 11.21 -6.55
N ALA A 185 12.07 11.12 -7.32
CA ALA A 185 12.20 10.88 -8.75
C ALA A 185 12.83 12.07 -9.47
N ALA A 186 12.42 13.28 -9.11
CA ALA A 186 12.99 14.47 -9.73
C ALA A 186 14.51 14.52 -9.54
N ALA A 187 15.00 14.11 -8.37
CA ALA A 187 16.43 14.16 -8.12
C ALA A 187 17.20 13.13 -8.94
N LEU A 188 16.54 12.07 -9.38
CA LEU A 188 17.19 11.09 -10.23
C LEU A 188 17.20 11.52 -11.70
N GLY A 189 16.42 12.54 -12.05
CA GLY A 189 16.47 13.14 -13.37
C GLY A 189 16.15 12.14 -14.46
N SER A 190 17.02 12.12 -15.48
CA SER A 190 16.78 11.30 -16.66
C SER A 190 16.97 9.82 -16.39
N ALA A 191 17.48 9.44 -15.22
CA ALA A 191 17.51 8.02 -14.85
C ALA A 191 16.11 7.39 -14.76
N VAL A 192 15.05 8.17 -14.54
CA VAL A 192 13.70 7.64 -14.43
C VAL A 192 13.06 7.64 -15.81
N ARG A 193 12.66 6.46 -16.26
CA ARG A 193 12.18 6.20 -17.61
C ARG A 193 10.69 5.88 -17.47
N TYR A 194 9.85 6.87 -17.78
CA TYR A 194 8.41 6.68 -17.67
C TYR A 194 7.83 6.04 -18.93
N GLY A 195 6.64 5.48 -18.78
CA GLY A 195 5.97 4.83 -19.89
C GLY A 195 6.59 3.52 -20.33
N GLU A 196 7.40 2.89 -19.47
CA GLU A 196 8.11 1.65 -19.75
C GLU A 196 7.46 0.51 -18.96
N THR A 197 6.86 -0.43 -19.67
CA THR A 197 6.19 -1.55 -19.06
C THR A 197 7.10 -2.77 -19.15
N VAL A 198 7.63 -3.20 -18.01
CA VAL A 198 8.44 -4.42 -17.96
C VAL A 198 7.56 -5.61 -18.28
N ARG A 199 8.05 -6.50 -19.15
CA ARG A 199 7.37 -7.75 -19.48
C ARG A 199 8.17 -9.00 -19.13
N ALA A 200 9.49 -8.91 -19.07
CA ALA A 200 10.32 -10.04 -18.73
C ALA A 200 11.63 -9.56 -18.12
N VAL A 201 12.17 -10.42 -17.25
CA VAL A 201 13.47 -10.25 -16.61
C VAL A 201 14.15 -11.60 -16.64
N GLU A 202 15.35 -11.66 -17.22
CA GLU A 202 16.06 -12.92 -17.43
C GLU A 202 17.50 -12.83 -16.94
N ASN A 203 17.88 -13.79 -16.09
CA ASN A 203 19.26 -13.93 -15.67
C ASN A 203 20.06 -14.62 -16.77
N ILE A 204 21.26 -14.14 -16.94
CA ILE A 204 22.24 -14.75 -17.86
C ILE A 204 23.27 -15.52 -17.05
N SER A 205 23.60 -16.72 -17.52
CA SER A 205 24.40 -17.67 -16.72
C SER A 205 25.73 -17.10 -16.28
N ASP A 206 26.49 -16.51 -17.20
CA ASP A 206 27.80 -15.92 -16.90
C ASP A 206 27.70 -14.57 -16.22
N GLY A 207 26.51 -14.14 -15.84
CA GLY A 207 26.33 -12.89 -15.13
C GLY A 207 25.55 -11.88 -15.95
N GLY A 208 24.78 -11.06 -15.25
CA GLY A 208 24.03 -10.01 -15.87
C GLY A 208 22.54 -10.37 -16.01
N VAL A 209 21.77 -9.33 -16.31
CA VAL A 209 20.32 -9.43 -16.41
C VAL A 209 19.84 -8.71 -17.65
N LEU A 210 18.88 -9.34 -18.33
CA LEU A 210 18.14 -8.70 -19.42
C LEU A 210 16.75 -8.27 -18.94
N VAL A 211 16.43 -6.99 -19.14
CA VAL A 211 15.14 -6.42 -18.82
C VAL A 211 14.46 -6.13 -20.14
N THR A 212 13.30 -6.75 -20.34
CA THR A 212 12.52 -6.60 -21.57
C THR A 212 11.23 -5.86 -21.26
N THR A 213 11.00 -4.76 -21.97
CA THR A 213 9.75 -4.03 -21.92
C THR A 213 8.87 -4.42 -23.12
N ASP A 214 7.76 -3.73 -23.29
CA ASP A 214 6.93 -3.97 -24.45
C ASP A 214 7.63 -3.56 -25.75
N THR A 215 8.72 -2.81 -25.70
CA THR A 215 9.39 -2.35 -26.92
C THR A 215 10.75 -2.96 -27.18
N ASP A 216 11.58 -3.20 -26.15
CA ASP A 216 12.95 -3.62 -26.40
C ASP A 216 13.60 -4.07 -25.09
N THR A 217 14.82 -4.60 -25.21
CA THR A 217 15.56 -5.16 -24.09
C THR A 217 16.83 -4.37 -23.77
N SER A 218 17.08 -4.19 -22.47
CA SER A 218 18.26 -3.55 -21.93
C SER A 218 18.99 -4.55 -21.05
N VAL A 219 20.27 -4.26 -20.84
CA VAL A 219 21.19 -5.15 -20.13
C VAL A 219 21.74 -4.43 -18.91
N PHE A 220 21.75 -5.13 -17.77
CA PHE A 220 22.27 -4.58 -16.52
C PHE A 220 23.13 -5.63 -15.83
N ASP A 221 24.03 -5.18 -14.97
CA ASP A 221 24.77 -6.13 -14.14
C ASP A 221 23.89 -6.71 -13.04
N THR A 222 23.05 -5.87 -12.45
CA THR A 222 22.11 -6.28 -11.42
CA THR A 222 22.14 -6.23 -11.38
C THR A 222 20.81 -5.53 -11.60
N VAL A 223 19.73 -6.12 -11.09
CA VAL A 223 18.40 -5.52 -11.14
C VAL A 223 17.72 -5.63 -9.79
N VAL A 224 16.96 -4.60 -9.41
CA VAL A 224 16.05 -4.68 -8.26
C VAL A 224 14.63 -4.66 -8.80
N VAL A 225 13.90 -5.75 -8.61
CA VAL A 225 12.47 -5.77 -8.93
C VAL A 225 11.73 -5.13 -7.77
N ALA A 226 11.15 -3.95 -8.01
CA ALA A 226 10.39 -3.22 -7.00
C ALA A 226 8.94 -3.07 -7.45
N LEU A 227 8.42 -4.12 -8.10
CA LEU A 227 7.08 -4.19 -8.63
C LEU A 227 6.10 -4.69 -7.56
N PRO A 228 4.79 -4.46 -7.76
CA PRO A 228 3.79 -4.98 -6.81
C PRO A 228 3.75 -6.50 -6.71
N LEU A 229 3.32 -6.96 -5.53
CA LEU A 229 3.07 -8.37 -5.28
C LEU A 229 2.28 -9.01 -6.41
N ALA A 230 1.18 -8.37 -6.82
CA ALA A 230 0.30 -8.97 -7.82
C ALA A 230 0.97 -9.02 -9.18
N VAL A 231 1.88 -8.08 -9.44
CA VAL A 231 2.61 -8.05 -10.69
C VAL A 231 3.66 -9.15 -10.73
N ILE A 232 4.37 -9.37 -9.61
CA ILE A 232 5.42 -10.37 -9.70
C ILE A 232 4.84 -11.77 -9.74
N ARG A 233 3.57 -11.93 -9.35
CA ARG A 233 2.87 -13.21 -9.47
C ARG A 233 2.03 -13.32 -10.74
N ASP A 234 2.05 -12.32 -11.63
CA ASP A 234 1.22 -12.31 -12.84
C ASP A 234 1.80 -13.18 -13.95
N SER A 235 0.94 -13.97 -14.60
CA SER A 235 1.39 -14.84 -15.69
C SER A 235 1.73 -14.05 -16.94
N GLN A 236 1.31 -12.80 -17.05
CA GLN A 236 1.64 -11.98 -18.21
C GLN A 236 3.06 -11.42 -18.13
N LEU A 237 3.81 -11.74 -17.08
CA LEU A 237 5.21 -11.36 -16.95
C LEU A 237 6.04 -12.62 -16.73
N ASN A 238 7.25 -12.60 -17.25
CA ASN A 238 8.21 -13.70 -17.11
C ASN A 238 9.38 -13.21 -16.26
N LEU A 239 9.30 -13.46 -14.94
CA LEU A 239 10.33 -13.10 -13.97
C LEU A 239 10.98 -14.34 -13.40
N PRO A 240 12.19 -14.24 -12.86
CA PRO A 240 12.82 -15.41 -12.23
C PRO A 240 12.00 -15.90 -11.06
N THR A 241 11.89 -17.22 -10.94
CA THR A 241 11.14 -17.86 -9.87
C THR A 241 11.95 -19.05 -9.36
N THR A 242 11.61 -19.48 -8.15
CA THR A 242 12.12 -20.72 -7.60
C THR A 242 11.00 -21.40 -6.82
N GLU A 243 11.13 -22.72 -6.62
CA GLU A 243 10.13 -23.39 -5.81
C GLU A 243 10.10 -22.86 -4.38
N ALA A 244 11.26 -22.49 -3.82
CA ALA A 244 11.26 -21.95 -2.47
C ALA A 244 10.52 -20.64 -2.39
N ARG A 245 10.73 -19.77 -3.39
CA ARG A 245 10.00 -18.51 -3.37
C ARG A 245 8.51 -18.74 -3.54
N ASP A 246 8.14 -19.64 -4.43
CA ASP A 246 6.71 -19.89 -4.66
C ASP A 246 6.07 -20.41 -3.38
N ALA A 247 6.82 -21.20 -2.62
CA ALA A 247 6.28 -21.76 -1.38
C ALA A 247 6.05 -20.67 -0.33
N ALA A 248 6.96 -19.68 -0.27
CA ALA A 248 6.79 -18.58 0.67
C ALA A 248 5.70 -17.62 0.19
N LEU A 249 5.65 -17.35 -1.11
CA LEU A 249 4.66 -16.41 -1.62
C LEU A 249 3.25 -16.93 -1.42
N LYS A 250 3.04 -18.25 -1.39
CA LYS A 250 1.65 -18.69 -1.31
C LYS A 250 0.98 -18.26 -0.02
N HIS A 251 1.73 -17.91 1.03
CA HIS A 251 1.13 -17.47 2.28
C HIS A 251 0.93 -15.97 2.37
N VAL A 252 1.36 -15.23 1.35
CA VAL A 252 1.22 -13.78 1.32
C VAL A 252 -0.07 -13.48 0.55
N LEU A 253 -1.04 -12.93 1.26
CA LEU A 253 -2.35 -12.66 0.69
C LEU A 253 -2.35 -11.29 0.06
N GLN A 254 -3.16 -11.12 -0.97
CA GLN A 254 -3.36 -9.81 -1.58
C GLN A 254 -4.51 -9.10 -0.87
N GLY A 255 -4.19 -8.03 -0.15
CA GLY A 255 -5.21 -7.14 0.36
C GLY A 255 -5.79 -6.30 -0.76
N HIS A 256 -7.10 -6.04 -0.67
CA HIS A 256 -7.81 -5.24 -1.64
C HIS A 256 -8.52 -4.10 -0.93
N ALA A 257 -8.41 -2.89 -1.50
CA ALA A 257 -9.05 -1.73 -0.90
C ALA A 257 -9.31 -0.68 -1.96
N ALA A 258 -10.27 0.19 -1.66
CA ALA A 258 -10.63 1.31 -2.50
C ALA A 258 -10.66 2.55 -1.63
N LYS A 259 -10.19 3.66 -2.18
CA LYS A 259 -10.32 4.96 -1.53
C LYS A 259 -11.51 5.66 -2.15
N LEU A 260 -12.25 6.40 -1.32
CA LEU A 260 -13.44 7.11 -1.76
C LEU A 260 -13.38 8.51 -1.15
N HIS A 261 -13.76 9.53 -1.93
CA HIS A 261 -13.77 10.90 -1.41
C HIS A 261 -15.04 11.61 -1.85
N LEU A 262 -15.61 12.37 -0.91
CA LEU A 262 -16.73 13.27 -1.18
C LEU A 262 -16.41 14.68 -0.72
N PRO A 263 -16.85 15.70 -1.45
CA PRO A 263 -16.71 17.08 -0.98
C PRO A 263 -17.71 17.39 0.11
N LEU A 264 -17.36 18.35 0.97
CA LEU A 264 -18.25 18.82 2.02
C LEU A 264 -18.50 20.32 1.85
N GLU A 265 -19.67 20.77 2.30
CA GLU A 265 -20.03 22.17 2.14
C GLU A 265 -19.45 23.07 3.23
N THR A 266 -18.90 22.50 4.31
CA THR A 266 -18.25 23.31 5.33
C THR A 266 -17.30 22.44 6.12
N GLN A 267 -16.39 23.11 6.82
CA GLN A 267 -15.41 22.44 7.66
C GLN A 267 -16.14 21.67 8.75
N PRO A 268 -15.94 20.40 8.86
CA PRO A 268 -16.49 19.67 10.00
C PRO A 268 -15.51 19.58 11.14
N ALA A 269 -15.96 18.97 12.23
CA ALA A 269 -15.04 18.46 13.23
C ALA A 269 -14.21 17.32 12.64
N THR A 270 -13.05 17.08 13.24
CA THR A 270 -12.32 15.84 12.94
C THR A 270 -13.15 14.66 13.41
N SER A 271 -12.96 13.52 12.76
CA SER A 271 -13.82 12.39 13.04
C SER A 271 -13.20 11.12 12.48
N ALA A 272 -13.63 9.99 13.02
CA ALA A 272 -13.36 8.67 12.43
C ALA A 272 -14.55 7.78 12.75
N VAL A 273 -15.27 7.37 11.71
CA VAL A 273 -16.52 6.61 11.85
C VAL A 273 -16.51 5.42 10.87
N MET A 274 -16.74 4.23 11.39
CA MET A 274 -16.72 2.97 10.64
C MET A 274 -18.13 2.52 10.28
N SER A 275 -18.25 1.82 9.15
CA SER A 275 -19.49 1.15 8.74
C SER A 275 -19.29 -0.37 8.75
N VAL A 276 -20.04 -1.07 9.61
CA VAL A 276 -19.95 -2.54 9.64
C VAL A 276 -20.45 -3.12 8.33
N GLU A 277 -21.65 -2.71 7.90
CA GLU A 277 -22.25 -3.34 6.74
C GLU A 277 -21.44 -3.06 5.48
N GLY A 278 -20.76 -1.92 5.42
CA GLY A 278 -20.06 -1.54 4.21
C GLY A 278 -18.59 -1.86 4.17
N ARG A 279 -18.03 -2.28 5.30
CA ARG A 279 -16.61 -2.58 5.42
C ARG A 279 -15.80 -1.38 4.96
N TYR A 280 -16.19 -0.19 5.42
CA TYR A 280 -15.40 1.01 5.14
C TYR A 280 -15.36 1.90 6.37
N TRP A 281 -14.37 2.78 6.39
CA TRP A 281 -14.10 3.79 7.42
CA TRP A 281 -14.42 3.80 7.40
C TRP A 281 -14.20 5.16 6.77
N THR A 282 -14.63 6.18 7.51
CA THR A 282 -14.65 7.55 7.03
C THR A 282 -13.93 8.42 8.03
N TRP A 283 -13.30 9.49 7.53
CA TRP A 283 -12.63 10.39 8.47
C TRP A 283 -12.54 11.78 7.87
N THR A 284 -12.38 12.75 8.76
CA THR A 284 -12.19 14.15 8.44
C THR A 284 -11.00 14.59 9.29
N ALA A 285 -10.08 15.34 8.69
CA ALA A 285 -8.78 15.56 9.31
C ALA A 285 -8.25 16.96 8.98
N THR A 286 -7.43 17.49 9.87
CA THR A 286 -6.79 18.78 9.68
C THR A 286 -5.66 18.68 8.67
N ASP A 287 -5.48 19.76 7.89
CA ASP A 287 -4.34 19.92 7.00
C ASP A 287 -3.39 20.99 7.55
N GLU A 288 -2.40 21.36 6.72
CA GLU A 288 -1.32 22.25 7.13
C GLU A 288 -1.85 23.57 7.62
N SER A 289 -3.04 23.97 7.16
CA SER A 289 -3.62 25.24 7.63
C SER A 289 -4.07 25.17 9.08
N GLY A 290 -4.21 23.98 9.66
CA GLY A 290 -4.81 23.82 10.96
C GLY A 290 -6.31 23.67 10.94
N ALA A 291 -6.96 23.97 9.82
CA ALA A 291 -8.38 23.74 9.66
C ALA A 291 -8.64 22.30 9.25
N VAL A 292 -9.79 21.77 9.65
CA VAL A 292 -10.28 20.49 9.15
C VAL A 292 -10.73 20.67 7.70
N ALA A 293 -10.09 19.96 6.78
CA ALA A 293 -10.47 20.05 5.38
C ALA A 293 -11.92 19.61 5.20
N PRO A 294 -12.69 20.29 4.31
CA PRO A 294 -14.08 19.93 4.02
C PRO A 294 -14.15 18.80 3.01
N VAL A 295 -13.58 17.67 3.39
CA VAL A 295 -13.49 16.48 2.57
C VAL A 295 -13.85 15.30 3.45
N LEU A 296 -14.77 14.47 2.97
CA LEU A 296 -15.06 13.18 3.60
C LEU A 296 -14.14 12.18 2.92
N ASN A 297 -13.16 11.68 3.66
CA ASN A 297 -12.22 10.68 3.18
C ASN A 297 -12.75 9.30 3.54
N ALA A 298 -12.51 8.30 2.69
CA ALA A 298 -13.03 6.98 3.05
C ALA A 298 -12.16 5.88 2.45
N PHE A 299 -12.15 4.73 3.15
CA PHE A 299 -11.38 3.54 2.79
C PHE A 299 -12.28 2.32 2.96
N MET A 300 -12.43 1.53 1.90
CA MET A 300 -13.17 0.27 1.92
C MET A 300 -12.17 -0.87 1.75
N GLY A 301 -12.24 -1.86 2.64
CA GLY A 301 -11.28 -2.97 2.64
C GLY A 301 -11.94 -4.32 2.45
N SER A 302 -11.24 -5.22 1.75
CA SER A 302 -11.53 -6.64 1.51
C SER A 302 -12.29 -6.77 0.20
N PRO A 303 -11.94 -7.78 -0.60
CA PRO A 303 -12.49 -7.81 -1.96
C PRO A 303 -13.99 -8.03 -1.99
N SER A 304 -14.54 -8.84 -1.09
CA SER A 304 -15.97 -9.11 -1.12
C SER A 304 -16.76 -7.86 -0.79
N ALA A 305 -16.23 -7.02 0.10
CA ALA A 305 -16.88 -5.75 0.40
C ALA A 305 -16.93 -4.86 -0.83
N ILE A 306 -15.84 -4.79 -1.57
CA ILE A 306 -15.81 -3.90 -2.72
C ILE A 306 -16.83 -4.39 -3.74
N THR A 307 -16.95 -5.72 -3.88
CA THR A 307 -17.95 -6.27 -4.80
C THR A 307 -19.37 -6.02 -4.33
N ARG A 308 -19.63 -6.15 -3.01
CA ARG A 308 -20.96 -5.87 -2.50
C ARG A 308 -21.33 -4.40 -2.66
N ALA A 309 -20.32 -3.51 -2.70
CA ALA A 309 -20.60 -2.08 -2.82
C ALA A 309 -20.94 -1.66 -4.24
N ASN A 310 -20.44 -2.39 -5.24
CA ASN A 310 -20.67 -2.12 -6.66
C ASN A 310 -20.32 -0.67 -7.01
N LEU A 311 -19.07 -0.31 -6.73
CA LEU A 311 -18.61 1.06 -6.93
C LEU A 311 -18.53 1.43 -8.41
N LYS A 312 -18.28 0.45 -9.29
CA LYS A 312 -18.11 0.76 -10.70
C LYS A 312 -19.44 0.99 -11.39
N GLN A 313 -20.48 0.24 -11.01
CA GLN A 313 -21.74 0.26 -11.74
C GLN A 313 -22.75 1.25 -11.17
N ARG A 314 -23.03 1.19 -9.86
CA ARG A 314 -24.06 2.01 -9.22
C ARG A 314 -23.46 2.84 -8.09
N PRO A 315 -22.59 3.80 -8.41
CA PRO A 315 -21.83 4.47 -7.35
C PRO A 315 -22.67 5.41 -6.52
N ALA A 316 -23.87 5.81 -6.97
CA ALA A 316 -24.75 6.57 -6.09
C ALA A 316 -25.15 5.77 -4.85
N GLU A 317 -25.05 4.44 -4.90
CA GLU A 317 -25.47 3.64 -3.76
C GLU A 317 -24.58 3.91 -2.56
N TRP A 318 -23.25 3.90 -2.77
CA TRP A 318 -22.31 4.13 -1.66
C TRP A 318 -22.47 5.55 -1.11
N VAL A 319 -22.64 6.55 -1.99
CA VAL A 319 -22.85 7.92 -1.52
C VAL A 319 -24.05 7.97 -0.58
N ALA A 320 -25.15 7.33 -0.99
CA ALA A 320 -26.33 7.24 -0.14
C ALA A 320 -26.02 6.60 1.20
N LYS A 321 -25.23 5.51 1.19
CA LYS A 321 -24.85 4.89 2.45
C LYS A 321 -23.95 5.81 3.27
N ALA A 322 -22.98 6.45 2.62
CA ALA A 322 -22.08 7.36 3.35
C ALA A 322 -22.85 8.52 3.94
N ARG A 323 -23.80 9.07 3.17
CA ARG A 323 -24.63 10.17 3.65
C ARG A 323 -25.45 9.77 4.87
N ALA A 324 -25.99 8.54 4.86
CA ALA A 324 -26.74 8.05 6.00
C ALA A 324 -25.84 7.79 7.20
N LEU A 325 -24.62 7.32 6.95
CA LEU A 325 -23.68 7.05 8.04
C LEU A 325 -23.25 8.35 8.69
N ARG A 326 -23.08 9.39 7.89
CA ARG A 326 -22.48 10.64 8.34
C ARG A 326 -23.47 11.80 8.20
N THR A 327 -24.63 11.68 8.87
CA THR A 327 -25.60 12.77 8.82
C THR A 327 -25.06 14.05 9.46
N ASP A 328 -24.01 13.94 10.28
CA ASP A 328 -23.35 15.10 10.85
C ASP A 328 -22.53 15.90 9.84
N LEU A 329 -22.31 15.38 8.64
CA LEU A 329 -21.49 16.02 7.62
C LEU A 329 -22.38 16.53 6.49
N ALA A 330 -21.99 17.66 5.92
CA ALA A 330 -22.80 18.37 4.93
C ALA A 330 -22.31 18.06 3.52
N ILE A 331 -22.77 16.93 2.99
CA ILE A 331 -22.39 16.51 1.65
C ILE A 331 -23.34 17.17 0.67
N PRO A 332 -22.86 17.86 -0.38
CA PRO A 332 -23.79 18.44 -1.36
C PRO A 332 -24.74 17.38 -1.92
N GLN A 333 -25.96 17.81 -2.30
CA GLN A 333 -26.95 16.81 -2.66
C GLN A 333 -26.60 16.12 -3.98
N ASP A 334 -26.04 16.86 -4.94
CA ASP A 334 -25.70 16.29 -6.23
C ASP A 334 -24.27 15.74 -6.27
N ALA A 335 -23.67 15.51 -5.11
CA ALA A 335 -22.26 15.11 -5.06
C ALA A 335 -22.08 13.69 -5.57
N ALA A 336 -20.97 13.48 -6.28
CA ALA A 336 -20.55 12.17 -6.75
C ALA A 336 -19.21 11.82 -6.12
N ALA A 337 -19.05 10.56 -5.75
CA ALA A 337 -17.83 10.11 -5.11
C ALA A 337 -16.71 9.98 -6.14
N LEU A 338 -15.50 10.37 -5.72
CA LEU A 338 -14.29 10.03 -6.44
C LEU A 338 -13.89 8.65 -5.92
N THR A 339 -13.74 7.68 -6.81
CA THR A 339 -13.39 6.34 -6.40
C THR A 339 -12.02 5.99 -6.96
N THR A 340 -11.23 5.29 -6.15
CA THR A 340 -9.93 4.78 -6.58
C THR A 340 -9.88 3.30 -6.19
N VAL A 341 -10.18 2.43 -7.14
CA VAL A 341 -10.31 0.99 -6.90
C VAL A 341 -9.01 0.37 -7.44
N TRP A 342 -8.01 0.28 -6.56
CA TRP A 342 -6.68 -0.17 -6.94
C TRP A 342 -6.66 -1.60 -7.44
N SER A 343 -7.65 -2.41 -7.05
CA SER A 343 -7.73 -3.80 -7.52
C SER A 343 -7.91 -3.90 -9.02
N GLU A 344 -8.49 -2.89 -9.64
CA GLU A 344 -8.73 -2.92 -11.07
C GLU A 344 -7.60 -2.31 -11.87
N ASP A 345 -6.54 -1.87 -11.21
CA ASP A 345 -5.38 -1.30 -11.85
C ASP A 345 -4.33 -2.37 -12.04
N GLN A 346 -4.04 -2.74 -13.29
CA GLN A 346 -3.12 -3.83 -13.55
C GLN A 346 -1.70 -3.49 -13.09
N LEU A 347 -1.41 -2.23 -12.84
CA LEU A 347 -0.11 -1.83 -12.33
C LEU A 347 -0.04 -1.83 -10.81
N ALA A 348 -1.13 -2.21 -10.12
CA ALA A 348 -1.16 -2.32 -8.67
C ALA A 348 -1.73 -3.69 -8.26
N GLY A 349 -2.95 -4.00 -8.71
CA GLY A 349 -3.57 -5.28 -8.42
C GLY A 349 -4.00 -5.49 -7.00
N GLY A 350 -4.16 -4.43 -6.24
CA GLY A 350 -4.61 -4.50 -4.87
C GLY A 350 -4.00 -3.34 -4.10
N ALA A 351 -4.14 -3.40 -2.78
CA ALA A 351 -3.72 -2.28 -1.94
C ALA A 351 -2.45 -2.54 -1.15
N TYR A 352 -2.31 -3.71 -0.55
CA TYR A 352 -1.14 -4.09 0.23
C TYR A 352 -1.28 -5.54 0.59
N ALA A 353 -0.19 -6.09 1.14
CA ALA A 353 -0.16 -7.51 1.48
C ALA A 353 -0.78 -7.77 2.85
N ALA A 354 -1.25 -9.00 3.05
CA ALA A 354 -1.69 -9.51 4.34
C ALA A 354 -1.08 -10.90 4.51
N HIS A 355 -1.14 -11.44 5.72
CA HIS A 355 -0.50 -12.70 6.05
C HIS A 355 -1.52 -13.78 6.34
N ALA A 356 -1.39 -14.91 5.66
CA ALA A 356 -2.09 -16.14 6.01
C ALA A 356 -1.40 -16.76 7.22
N PRO A 357 -2.05 -17.74 7.85
CA PRO A 357 -1.44 -18.36 9.04
C PRO A 357 -0.04 -18.87 8.81
N GLY A 358 0.29 -19.34 7.62
CA GLY A 358 1.57 -19.99 7.38
C GLY A 358 2.78 -19.09 7.18
N VAL A 359 2.64 -17.77 7.20
CA VAL A 359 3.80 -16.91 7.02
C VAL A 359 4.80 -17.18 8.14
N THR A 360 6.09 -17.28 7.78
CA THR A 360 7.17 -17.39 8.76
C THR A 360 8.18 -16.28 8.54
N ALA A 361 8.94 -15.95 9.59
CA ALA A 361 10.05 -15.00 9.43
C ALA A 361 11.04 -15.49 8.38
N ALA A 362 11.30 -16.79 8.35
CA ALA A 362 12.28 -17.30 7.39
C ALA A 362 11.76 -17.19 5.96
N GLY A 363 10.48 -17.47 5.73
CA GLY A 363 9.93 -17.28 4.39
C GLY A 363 9.91 -15.81 3.97
N THR A 364 9.57 -14.93 4.90
CA THR A 364 9.59 -13.49 4.60
C THR A 364 10.99 -13.03 4.22
N ALA A 365 12.01 -13.47 4.98
CA ALA A 365 13.37 -13.11 4.65
C ALA A 365 13.78 -13.65 3.29
N LEU A 366 13.38 -14.89 2.98
CA LEU A 366 13.71 -15.49 1.69
C LEU A 366 13.30 -14.59 0.53
N LEU A 367 12.18 -13.88 0.68
CA LEU A 367 11.60 -13.18 -0.45
C LEU A 367 12.47 -12.04 -0.96
N GLU A 368 13.39 -11.52 -0.14
CA GLU A 368 14.27 -10.44 -0.55
C GLU A 368 15.64 -10.93 -1.01
N LYS A 369 15.92 -12.24 -0.94
CA LYS A 369 17.19 -12.76 -1.42
C LYS A 369 17.21 -12.80 -2.95
N PRO A 370 18.38 -12.61 -3.55
CA PRO A 370 18.43 -12.58 -5.03
C PRO A 370 18.15 -13.94 -5.66
N VAL A 371 17.67 -13.90 -6.88
CA VAL A 371 17.69 -15.04 -7.77
C VAL A 371 18.65 -14.64 -8.89
N GLY A 372 19.78 -15.32 -8.96
CA GLY A 372 20.85 -14.83 -9.84
C GLY A 372 21.23 -13.41 -9.48
N ASP A 373 21.23 -12.51 -10.47
CA ASP A 373 21.55 -11.11 -10.24
C ASP A 373 20.29 -10.25 -10.12
N VAL A 374 19.16 -10.86 -9.76
CA VAL A 374 17.88 -10.16 -9.66
C VAL A 374 17.50 -10.13 -8.18
N PHE A 375 17.42 -8.92 -7.64
CA PHE A 375 17.04 -8.62 -6.28
C PHE A 375 15.58 -8.17 -6.27
N TRP A 376 15.03 -7.99 -5.06
CA TRP A 376 13.61 -7.74 -4.86
C TRP A 376 13.38 -6.73 -3.73
N ALA A 377 12.39 -5.90 -3.91
CA ALA A 377 11.93 -5.02 -2.84
C ALA A 377 10.44 -4.77 -2.99
N GLY A 378 9.76 -4.49 -1.88
CA GLY A 378 8.38 -4.05 -1.90
C GLY A 378 7.73 -4.12 -0.53
N GLU A 379 6.54 -3.52 -0.43
CA GLU A 379 5.83 -3.51 0.84
C GLU A 379 5.55 -4.93 1.34
N TYR A 380 5.40 -5.89 0.43
CA TYR A 380 4.92 -7.22 0.80
C TYR A 380 5.97 -8.05 1.51
N SER A 381 7.26 -7.70 1.44
CA SER A 381 8.32 -8.48 2.05
C SER A 381 8.91 -7.81 3.29
N GLU A 382 8.36 -6.71 3.71
CA GLU A 382 8.80 -6.08 4.96
C GLU A 382 8.35 -6.93 6.15
N PRO A 383 9.20 -7.21 7.09
CA PRO A 383 8.79 -8.07 8.21
C PRO A 383 8.03 -7.40 9.34
N GLU A 384 8.23 -6.10 9.55
CA GLU A 384 7.57 -5.41 10.66
C GLU A 384 6.50 -4.45 10.17
N PHE A 385 6.89 -3.45 9.38
CA PHE A 385 5.96 -2.50 8.80
C PHE A 385 5.33 -3.09 7.54
N VAL A 386 4.76 -4.30 7.66
CA VAL A 386 4.22 -5.02 6.51
CA VAL A 386 4.26 -5.00 6.48
C VAL A 386 3.15 -4.18 5.84
N GLY A 387 3.22 -4.06 4.51
CA GLY A 387 2.15 -3.40 3.78
C GLY A 387 2.14 -1.88 3.80
N LEU A 388 3.06 -1.24 4.49
CA LEU A 388 3.01 0.18 4.74
C LEU A 388 4.07 0.93 3.93
N MET A 389 3.88 2.25 3.84
CA MET A 389 4.90 3.08 3.17
C MET A 389 6.29 2.91 3.81
N GLU A 390 6.35 2.82 5.13
CA GLU A 390 7.60 2.63 5.81
C GLU A 390 8.24 1.31 5.41
N GLY A 391 7.41 0.27 5.22
CA GLY A 391 7.94 -1.01 4.81
C GLY A 391 8.45 -1.00 3.38
N ALA A 392 7.76 -0.31 2.48
CA ALA A 392 8.28 -0.22 1.13
C ALA A 392 9.64 0.47 1.11
N ILE A 393 9.78 1.56 1.85
CA ILE A 393 11.05 2.27 1.93
C ILE A 393 12.13 1.38 2.51
N ARG A 394 11.83 0.74 3.66
CA ARG A 394 12.85 -0.09 4.30
C ARG A 394 13.27 -1.22 3.37
N SER A 395 12.30 -1.81 2.65
CA SER A 395 12.63 -2.88 1.73
C SER A 395 13.52 -2.40 0.58
N GLY A 396 13.19 -1.25 -0.01
CA GLY A 396 14.05 -0.70 -1.05
C GLY A 396 15.46 -0.42 -0.57
N GLU A 397 15.59 0.13 0.62
CA GLU A 397 16.91 0.40 1.15
C GLU A 397 17.68 -0.86 1.49
N ARG A 398 17.02 -1.93 1.97
CA ARG A 398 17.73 -3.20 2.13
C ARG A 398 18.24 -3.71 0.79
N ALA A 399 17.39 -3.67 -0.25
CA ALA A 399 17.82 -4.18 -1.56
C ALA A 399 19.03 -3.41 -2.08
N ALA A 400 19.04 -2.08 -1.91
CA ALA A 400 20.21 -1.29 -2.31
C ALA A 400 21.48 -1.79 -1.62
N GLY A 401 21.39 -2.08 -0.32
CA GLY A 401 22.56 -2.61 0.39
C GLY A 401 23.03 -3.95 -0.15
N ARG A 402 22.09 -4.84 -0.49
CA ARG A 402 22.49 -6.12 -1.07
C ARG A 402 23.15 -5.93 -2.43
N VAL A 403 22.60 -5.03 -3.23
CA VAL A 403 23.17 -4.75 -4.54
C VAL A 403 24.59 -4.23 -4.39
N MET A 404 24.83 -3.33 -3.45
CA MET A 404 26.19 -2.81 -3.30
C MET A 404 27.16 -3.96 -2.93
N GLN A 405 26.74 -4.92 -2.10
CA GLN A 405 27.62 -6.07 -1.84
C GLN A 405 27.86 -6.91 -3.11
N ARG A 406 26.83 -7.17 -3.90
CA ARG A 406 27.02 -7.91 -5.15
C ARG A 406 27.97 -7.20 -6.11
N LEU A 407 27.84 -5.87 -6.26
CA LEU A 407 28.70 -5.19 -7.22
C LEU A 407 30.15 -5.18 -6.74
N GLU A 408 30.34 -5.08 -5.41
CA GLU A 408 31.69 -5.21 -4.84
C GLU A 408 32.28 -6.58 -5.16
N THR A 409 31.43 -7.62 -5.14
CA THR A 409 31.87 -8.96 -5.50
C THR A 409 32.23 -9.05 -6.98
N LYS A 410 31.33 -8.61 -7.87
CA LYS A 410 31.62 -8.70 -9.30
C LYS A 410 32.93 -8.00 -9.65
N SER A 411 33.26 -6.92 -8.95
CA SER A 411 34.51 -6.22 -9.17
C SER A 411 35.67 -6.93 -8.47
PA FAD B . 3.97 0.49 -5.57
O1A FAD B . 3.69 1.80 -4.93
O2A FAD B . 2.80 -0.22 -6.17
O5B FAD B . 5.11 0.72 -6.68
C5B FAD B . 5.31 -0.24 -7.73
C4B FAD B . 5.53 0.51 -9.02
O4B FAD B . 5.68 -0.41 -10.14
C3B FAD B . 4.38 1.46 -9.43
O3B FAD B . 4.89 2.75 -9.72
C2B FAD B . 3.79 0.80 -10.68
O2B FAD B . 3.27 1.70 -11.61
C1B FAD B . 5.02 0.11 -11.26
N9A FAD B . 4.78 -0.97 -12.17
C8A FAD B . 3.86 -1.97 -12.03
N7A FAD B . 3.92 -2.85 -12.99
C5A FAD B . 4.98 -2.42 -13.79
C6A FAD B . 5.58 -2.95 -14.94
N6A FAD B . 5.20 -4.09 -15.53
N1A FAD B . 6.65 -2.29 -15.46
C2A FAD B . 7.05 -1.16 -14.86
N3A FAD B . 6.55 -0.57 -13.77
C4A FAD B . 5.52 -1.26 -13.28
N1 FAD B . 0.41 2.69 3.66
C2 FAD B . 0.63 3.50 4.71
O2 FAD B . 1.78 3.63 5.20
N3 FAD B . -0.39 4.28 5.21
C4 FAD B . -1.68 4.20 4.75
O4 FAD B . -2.56 4.92 5.24
C4X FAD B . -1.95 3.30 3.69
N5 FAD B . -3.17 3.21 3.17
C5X FAD B . -3.28 2.72 1.89
C6 FAD B . -4.50 2.85 1.20
C7 FAD B . -4.67 2.35 -0.07
C7M FAD B . -5.99 2.51 -0.79
C8 FAD B . -3.58 1.70 -0.71
C8M FAD B . -3.70 1.18 -2.11
C9 FAD B . -2.40 1.50 -0.01
C9A FAD B . -2.21 2.03 1.28
N10 FAD B . -0.97 2.04 1.91
C10 FAD B . -0.81 2.57 3.18
C1' FAD B . 0.12 1.16 1.43
C2' FAD B . 1.16 1.85 0.61
O2' FAD B . 0.45 2.50 -0.44
C3' FAD B . 2.10 0.81 0.06
O3' FAD B . 2.70 0.00 1.08
C4' FAD B . 3.30 1.34 -0.76
O4' FAD B . 2.91 2.54 -1.42
C5' FAD B . 3.75 0.30 -1.76
O5' FAD B . 4.97 0.75 -2.38
P FAD B . 5.77 -0.22 -3.38
O1P FAD B . 6.87 0.60 -3.93
O2P FAD B . 6.04 -1.49 -2.67
O3P FAD B . 4.66 -0.48 -4.51
O1 PG4 C . 1.95 15.13 -6.60
C1 PG4 C . 2.31 15.74 -5.37
C2 PG4 C . 1.36 16.83 -4.94
O2 PG4 C . 0.05 16.52 -5.38
C3 PG4 C . -0.92 17.41 -4.85
C4 PG4 C . -2.13 17.39 -5.73
O3 PG4 C . -2.11 18.47 -6.65
C5 PG4 C . -1.36 18.05 -7.79
C6 PG4 C . -2.24 17.29 -8.73
O4 PG4 C . -3.52 17.93 -8.79
C7 PG4 C . -4.47 16.94 -9.16
C8 PG4 C . -5.70 17.59 -9.68
O5 PG4 C . -6.80 16.70 -9.58
#